data_4Y4Q
#
_entry.id   4Y4Q
#
_cell.length_a   74.150
_cell.length_b   101.140
_cell.length_c   143.290
_cell.angle_alpha   90.00
_cell.angle_beta   90.00
_cell.angle_gamma   90.00
#
_symmetry.space_group_name_H-M   'C 2 2 21'
#
loop_
_entity.id
_entity.type
_entity.pdbx_description
1 polymer 'Sortase, SrtB family'
2 water water
#
_entity_poly.entity_id   1
_entity_poly.type   'polypeptide(L)'
_entity_poly.pdbx_seq_one_letter_code
;MVSLSPNPLLGLDSTENLYFQGIDPFTMDSNQVYSLASSSEYEAYRPVTTQQDELASFSGFSKLQELNPEVLGWINVYGT
NIDYPLVQAKDNEKYLNKDSKGEFAATGAIFLDARNNPKFEDFNTIIYGHHVENGVMFGDVAKFADQEFFDQHRYGSIYY
NGVEKGLEIFEMLEVDAYDFNIYDPGIQGEDRQQAYLDHLLSVAMHKRDISLSPSDRIILLSTCFLDVTNGRHIVVAKIT
DTV
;
_entity_poly.pdbx_strand_id   A,B
#
# COMPACT_ATOMS: atom_id res chain seq x y z
N SER A 59 -24.23 6.39 14.60
CA SER A 59 -24.06 7.53 13.71
C SER A 59 -23.10 8.58 14.21
N GLY A 60 -22.77 9.65 13.70
CA GLY A 60 -21.98 10.64 14.40
C GLY A 60 -22.31 12.05 14.02
N PHE A 61 -22.26 13.19 15.24
CA PHE A 61 -23.00 14.40 15.01
C PHE A 61 -22.17 15.46 14.33
N SER A 62 -22.86 16.42 13.75
CA SER A 62 -22.26 17.71 13.40
C SER A 62 -21.76 18.44 14.64
N LYS A 63 -22.17 17.98 15.80
CA LYS A 63 -21.75 18.59 17.07
C LYS A 63 -20.57 17.85 17.65
N LEU A 64 -20.60 16.53 17.58
CA LEU A 64 -19.48 15.70 18.02
C LEU A 64 -18.21 16.16 17.32
N GLN A 65 -18.32 16.46 16.04
CA GLN A 65 -17.16 16.88 15.26
C GLN A 65 -16.73 18.32 15.57
N GLU A 66 -17.61 19.09 16.22
CA GLU A 66 -17.26 20.43 16.68
C GLU A 66 -16.36 20.32 17.91
N LEU A 67 -16.70 19.38 18.79
CA LEU A 67 -15.93 19.14 20.01
C LEU A 67 -14.70 18.29 19.70
N ASN A 68 -14.80 17.46 18.67
CA ASN A 68 -13.73 16.54 18.30
C ASN A 68 -13.53 16.47 16.79
N PRO A 69 -12.83 17.47 16.22
CA PRO A 69 -12.68 17.64 14.77
C PRO A 69 -11.83 16.55 14.13
N GLU A 70 -11.04 15.85 14.93
CA GLU A 70 -10.23 14.74 14.43
C GLU A 70 -11.08 13.49 14.20
N VAL A 71 -12.33 13.51 14.67
CA VAL A 71 -13.18 12.33 14.46
C VAL A 71 -13.84 12.37 13.09
N LEU A 72 -13.47 11.45 12.20
CA LEU A 72 -14.03 11.46 10.85
C LEU A 72 -15.21 10.51 10.69
N GLY A 73 -15.43 9.63 11.66
CA GLY A 73 -16.59 8.77 11.61
C GLY A 73 -16.74 7.91 12.83
N TRP A 74 -17.51 6.83 12.69
CA TRP A 74 -17.82 5.97 13.82
C TRP A 74 -18.16 4.57 13.31
N ILE A 75 -17.77 3.55 14.07
CA ILE A 75 -18.02 2.16 13.68
C ILE A 75 -18.65 1.35 14.82
N ASN A 76 -19.64 0.54 14.45
CA ASN A 76 -20.37 -0.25 15.43
C ASN A 76 -20.57 -1.67 14.90
N VAL A 77 -20.34 -2.68 15.74
CA VAL A 77 -20.74 -4.04 15.41
C VAL A 77 -21.73 -4.53 16.48
N TYR A 78 -22.95 -4.81 16.05
CA TYR A 78 -24.06 -5.06 16.97
C TYR A 78 -23.76 -6.16 17.99
N GLY A 79 -24.27 -5.99 19.21
CA GLY A 79 -24.04 -6.94 20.29
C GLY A 79 -22.59 -7.10 20.72
N THR A 80 -21.68 -6.23 20.27
CA THR A 80 -20.29 -6.31 20.72
C THR A 80 -19.81 -5.00 21.34
N ASN A 81 -18.58 -5.01 21.85
CA ASN A 81 -17.94 -3.78 22.36
C ASN A 81 -17.22 -2.99 21.25
N ILE A 82 -17.46 -3.35 20.01
CA ILE A 82 -16.87 -2.61 18.90
C ILE A 82 -17.75 -1.42 18.62
N ASP A 83 -17.52 -0.39 19.40
CA ASP A 83 -18.14 0.89 19.23
C ASP A 83 -16.94 1.78 19.34
N TYR A 84 -16.69 2.56 18.32
CA TYR A 84 -15.51 3.41 18.36
C TYR A 84 -15.56 4.55 17.35
N PRO A 85 -15.01 5.71 17.73
CA PRO A 85 -14.79 6.78 16.76
C PRO A 85 -13.71 6.35 15.81
N LEU A 86 -13.78 6.82 14.57
CA LEU A 86 -12.74 6.59 13.59
C LEU A 86 -11.91 7.84 13.43
N VAL A 87 -10.59 7.67 13.38
CA VAL A 87 -9.65 8.78 13.30
C VAL A 87 -8.59 8.40 12.24
N GLN A 88 -7.88 9.39 11.70
CA GLN A 88 -6.75 9.11 10.83
C GLN A 88 -5.60 10.05 11.17
N ALA A 89 -4.40 9.50 11.30
CA ALA A 89 -3.22 10.34 11.53
C ALA A 89 -2.36 10.38 10.27
N LYS A 90 -1.32 11.21 10.30
CA LYS A 90 -0.24 11.09 9.35
C LYS A 90 0.79 10.18 9.99
N ASP A 91 1.56 9.44 9.17
CA ASP A 91 2.67 8.57 9.62
C ASP A 91 2.47 7.44 10.66
N ASN A 92 1.60 6.47 10.37
CA ASN A 92 1.22 5.44 11.35
C ASN A 92 2.34 4.46 11.64
N GLU A 103 -7.29 12.33 23.90
CA GLU A 103 -8.71 12.57 23.70
C GLU A 103 -9.50 11.28 23.94
N PHE A 104 -8.87 10.15 23.71
CA PHE A 104 -9.56 8.86 23.68
C PHE A 104 -8.98 7.78 24.60
N ALA A 105 -8.58 8.16 25.81
CA ALA A 105 -8.16 7.17 26.81
C ALA A 105 -9.38 6.36 27.27
N ALA A 106 -10.51 7.06 27.40
CA ALA A 106 -11.80 6.40 27.51
C ALA A 106 -12.26 6.07 26.10
N THR A 107 -13.28 5.24 25.95
CA THR A 107 -13.87 4.99 24.63
C THR A 107 -12.93 4.21 23.72
N GLY A 108 -11.74 4.76 23.48
CA GLY A 108 -10.78 4.19 22.55
C GLY A 108 -10.97 4.80 21.18
N ALA A 109 -10.05 4.53 20.25
CA ALA A 109 -10.18 5.09 18.90
C ALA A 109 -9.55 4.16 17.87
N ILE A 110 -10.09 4.17 16.66
CA ILE A 110 -9.63 3.28 15.59
C ILE A 110 -9.06 4.10 14.44
N PHE A 111 -7.84 3.79 14.02
CA PHE A 111 -7.11 4.60 13.04
C PHE A 111 -7.14 4.03 11.63
N LEU A 112 -7.53 4.84 10.66
CA LEU A 112 -7.45 4.44 9.26
C LEU A 112 -5.98 4.46 8.87
N ASP A 113 -5.57 3.52 8.04
CA ASP A 113 -4.22 3.54 7.49
C ASP A 113 -4.01 4.89 6.81
N ALA A 114 -2.86 5.52 7.06
CA ALA A 114 -2.55 6.84 6.50
C ALA A 114 -2.56 6.90 4.98
N ARG A 115 -2.48 5.74 4.32
CA ARG A 115 -2.47 5.66 2.87
C ARG A 115 -3.87 5.56 2.26
N ASN A 116 -4.87 5.28 3.10
CA ASN A 116 -6.25 5.16 2.63
C ASN A 116 -6.98 6.50 2.50
N ASN A 117 -7.94 6.55 1.58
CA ASN A 117 -8.82 7.71 1.46
C ASN A 117 -9.76 7.77 2.68
N PRO A 118 -9.83 8.95 3.32
CA PRO A 118 -10.57 9.09 4.59
C PRO A 118 -12.09 9.05 4.42
N LYS A 119 -12.57 9.02 3.18
CA LYS A 119 -14.01 8.91 2.93
C LYS A 119 -14.38 7.52 2.42
N PHE A 120 -13.55 6.53 2.73
CA PHE A 120 -13.81 5.13 2.36
C PHE A 120 -14.12 4.91 0.88
N GLU A 121 -13.46 5.67 0.01
CA GLU A 121 -13.61 5.51 -1.43
C GLU A 121 -12.80 4.34 -1.98
N ASP A 122 -11.77 3.93 -1.25
CA ASP A 122 -10.86 2.90 -1.73
C ASP A 122 -11.55 1.54 -1.67
N PHE A 123 -11.03 0.60 -2.46
CA PHE A 123 -11.56 -0.76 -2.48
C PHE A 123 -11.38 -1.41 -1.12
N ASN A 124 -10.15 -1.46 -0.63
CA ASN A 124 -9.89 -1.98 0.70
C ASN A 124 -9.38 -0.89 1.63
N THR A 125 -10.04 -0.75 2.78
CA THR A 125 -9.63 0.23 3.79
C THR A 125 -9.24 -0.50 5.06
N ILE A 126 -8.04 -0.22 5.56
CA ILE A 126 -7.53 -0.95 6.71
C ILE A 126 -7.56 -0.03 7.93
N ILE A 127 -8.18 -0.51 9.00
CA ILE A 127 -8.33 0.30 10.21
C ILE A 127 -7.77 -0.45 11.41
N TYR A 128 -7.09 0.26 12.30
CA TYR A 128 -6.29 -0.35 13.35
C TYR A 128 -6.81 -0.03 14.75
N GLY A 129 -6.83 -1.03 15.62
CA GLY A 129 -7.03 -0.77 17.04
C GLY A 129 -5.77 -1.16 17.80
N HIS A 130 -5.07 -0.19 18.36
CA HIS A 130 -3.83 -0.46 19.09
C HIS A 130 -4.10 -0.81 20.55
N HIS A 131 -3.72 -2.01 20.97
CA HIS A 131 -3.80 -2.37 22.37
C HIS A 131 -2.79 -1.57 23.17
N VAL A 132 -3.26 -0.99 24.27
CA VAL A 132 -2.46 -0.23 25.23
C VAL A 132 -2.44 -0.92 26.60
N GLU A 133 -1.25 -0.97 27.22
CA GLU A 133 -1.00 -1.74 28.45
C GLU A 133 -2.13 -1.95 29.46
N ASN A 134 -2.70 -0.84 29.93
CA ASN A 134 -3.80 -0.89 30.90
C ASN A 134 -5.06 -0.13 30.46
N GLY A 135 -4.97 0.59 29.35
CA GLY A 135 -6.06 1.42 28.87
C GLY A 135 -7.04 0.60 28.07
N VAL A 136 -7.50 1.14 26.94
CA VAL A 136 -8.48 0.46 26.12
C VAL A 136 -7.87 -0.72 25.38
N MET A 137 -8.69 -1.75 25.16
CA MET A 137 -8.29 -2.89 24.35
C MET A 137 -9.44 -3.22 23.41
N PHE A 138 -9.23 -4.21 22.57
CA PHE A 138 -10.17 -4.49 21.50
C PHE A 138 -10.47 -5.97 21.55
N GLY A 139 -10.77 -6.41 22.78
CA GLY A 139 -10.97 -7.80 23.11
C GLY A 139 -12.00 -8.52 22.26
N ASP A 140 -13.05 -7.81 21.84
CA ASP A 140 -14.12 -8.45 21.07
C ASP A 140 -13.65 -8.89 19.69
N VAL A 141 -12.62 -8.24 19.15
CA VAL A 141 -12.14 -8.64 17.83
C VAL A 141 -11.69 -10.11 17.84
N ALA A 142 -10.87 -10.47 18.82
CA ALA A 142 -10.35 -11.83 18.96
C ALA A 142 -11.46 -12.85 19.20
N LYS A 143 -12.63 -12.40 19.68
CA LYS A 143 -13.72 -13.34 19.98
C LYS A 143 -14.29 -13.91 18.69
N PHE A 144 -14.05 -13.23 17.57
CA PHE A 144 -14.51 -13.74 16.29
C PHE A 144 -13.76 -15.02 15.86
N ALA A 145 -12.72 -15.39 16.60
CA ALA A 145 -12.04 -16.65 16.35
C ALA A 145 -12.91 -17.84 16.77
N ASP A 146 -13.93 -17.58 17.59
CA ASP A 146 -14.88 -18.62 17.99
C ASP A 146 -16.01 -18.78 16.98
N GLN A 147 -16.27 -20.02 16.56
CA GLN A 147 -17.24 -20.32 15.52
C GLN A 147 -18.60 -19.67 15.82
N GLU A 148 -19.12 -19.92 17.02
CA GLU A 148 -20.42 -19.41 17.43
C GLU A 148 -20.50 -17.88 17.45
N PHE A 149 -19.52 -17.24 18.08
CA PHE A 149 -19.51 -15.79 18.13
C PHE A 149 -19.43 -15.23 16.70
N PHE A 150 -18.62 -15.85 15.86
CA PHE A 150 -18.53 -15.42 14.46
C PHE A 150 -19.87 -15.59 13.74
N ASP A 151 -20.53 -16.73 13.95
CA ASP A 151 -21.78 -16.99 13.24
C ASP A 151 -22.86 -15.99 13.65
N GLN A 152 -22.79 -15.53 14.89
CA GLN A 152 -23.89 -14.75 15.45
C GLN A 152 -23.73 -13.23 15.38
N HIS A 153 -22.50 -12.79 15.16
CA HIS A 153 -22.26 -11.39 14.93
C HIS A 153 -21.99 -11.32 13.46
N ARG A 154 -22.96 -10.80 12.71
CA ARG A 154 -22.77 -10.62 11.29
C ARG A 154 -22.82 -9.15 10.87
N TYR A 155 -23.66 -8.37 11.54
CA TYR A 155 -23.96 -7.02 11.07
C TYR A 155 -23.44 -5.92 11.98
N GLY A 156 -23.32 -4.73 11.40
CA GLY A 156 -22.90 -3.55 12.10
C GLY A 156 -23.22 -2.33 11.26
N SER A 157 -22.73 -1.17 11.66
CA SER A 157 -22.95 0.02 10.87
C SER A 157 -21.69 0.86 10.93
N ILE A 158 -21.57 1.78 9.99
CA ILE A 158 -20.45 2.68 9.98
C ILE A 158 -20.94 4.05 9.53
N TYR A 159 -20.46 5.09 10.20
CA TYR A 159 -20.80 6.44 9.80
C TYR A 159 -19.53 7.11 9.32
N TYR A 160 -19.61 7.79 8.17
CA TYR A 160 -18.48 8.52 7.61
C TYR A 160 -18.99 9.54 6.60
N ASN A 161 -18.27 10.65 6.47
CA ASN A 161 -18.59 11.69 5.50
C ASN A 161 -20.04 12.15 5.52
N GLY A 162 -20.65 12.14 6.70
CA GLY A 162 -22.01 12.64 6.84
C GLY A 162 -23.08 11.59 6.52
N VAL A 163 -22.65 10.37 6.23
CA VAL A 163 -23.61 9.31 5.87
C VAL A 163 -23.46 8.04 6.70
N GLU A 164 -24.57 7.31 6.85
CA GLU A 164 -24.58 6.05 7.59
C GLU A 164 -24.79 4.85 6.66
N LYS A 165 -23.88 3.89 6.72
CA LYS A 165 -23.93 2.69 5.90
C LYS A 165 -23.93 1.46 6.80
N GLY A 166 -24.40 0.34 6.28
CA GLY A 166 -24.40 -0.90 7.02
C GLY A 166 -23.09 -1.62 6.80
N LEU A 167 -22.77 -2.55 7.70
CA LEU A 167 -21.59 -3.38 7.57
C LEU A 167 -22.03 -4.82 7.64
N GLU A 168 -21.48 -5.67 6.77
CA GLU A 168 -21.74 -7.10 6.89
C GLU A 168 -20.41 -7.83 6.99
N ILE A 169 -20.11 -8.42 8.14
CA ILE A 169 -18.86 -9.15 8.30
C ILE A 169 -18.88 -10.43 7.45
N PHE A 170 -17.80 -10.70 6.71
CA PHE A 170 -17.71 -11.98 5.99
C PHE A 170 -16.48 -12.83 6.30
N GLU A 171 -15.55 -12.31 7.09
CA GLU A 171 -14.34 -13.09 7.33
C GLU A 171 -13.62 -12.72 8.63
N MET A 172 -13.05 -13.72 9.30
CA MET A 172 -12.05 -13.46 10.33
C MET A 172 -10.78 -14.22 9.99
N LEU A 173 -9.63 -13.59 10.22
CA LEU A 173 -8.41 -14.32 9.97
C LEU A 173 -7.37 -13.90 10.98
N GLU A 174 -6.35 -14.73 11.15
CA GLU A 174 -5.20 -14.39 11.97
C GLU A 174 -3.97 -14.42 11.09
N VAL A 175 -3.12 -13.41 11.23
CA VAL A 175 -1.95 -13.26 10.37
C VAL A 175 -0.81 -12.67 11.15
N ASP A 176 0.38 -12.68 10.55
CA ASP A 176 1.52 -12.01 11.14
C ASP A 176 1.47 -10.54 10.75
N ALA A 177 2.06 -9.67 11.57
CA ALA A 177 1.86 -8.24 11.39
C ALA A 177 2.59 -7.71 10.16
N TYR A 178 3.60 -8.46 9.72
CA TYR A 178 4.38 -8.09 8.55
C TYR A 178 3.95 -8.87 7.31
N ASP A 179 2.69 -9.32 7.29
CA ASP A 179 2.15 -9.98 6.10
C ASP A 179 1.62 -8.94 5.11
N PHE A 180 2.49 -8.48 4.21
CA PHE A 180 2.12 -7.43 3.28
C PHE A 180 1.10 -7.89 2.23
N ASN A 181 0.96 -9.19 2.06
CA ASN A 181 -0.12 -9.71 1.20
C ASN A 181 -1.48 -9.21 1.66
N ILE A 182 -1.61 -8.95 2.96
CA ILE A 182 -2.89 -8.56 3.56
C ILE A 182 -2.95 -7.06 3.83
N TYR A 183 -1.86 -6.54 4.39
CA TYR A 183 -1.76 -5.13 4.76
C TYR A 183 -1.21 -4.33 3.57
N ASP A 184 -2.00 -4.27 2.50
CA ASP A 184 -1.68 -3.47 1.31
C ASP A 184 -2.94 -2.68 0.99
N PRO A 185 -3.07 -1.50 1.60
CA PRO A 185 -4.35 -0.78 1.51
C PRO A 185 -4.49 -0.06 0.17
N GLY A 186 -5.73 0.15 -0.27
CA GLY A 186 -5.98 1.00 -1.42
C GLY A 186 -5.58 0.40 -2.76
N ILE A 187 -5.77 -0.90 -2.90
CA ILE A 187 -5.47 -1.58 -4.16
C ILE A 187 -6.43 -1.18 -5.30
N GLN A 188 -5.87 -0.96 -6.48
CA GLN A 188 -6.62 -0.49 -7.64
C GLN A 188 -6.54 -1.46 -8.80
N GLY A 189 -7.58 -1.48 -9.63
CA GLY A 189 -7.62 -2.36 -10.79
C GLY A 189 -8.44 -3.60 -10.46
N GLU A 190 -9.32 -3.97 -11.39
CA GLU A 190 -10.33 -4.99 -11.16
C GLU A 190 -9.71 -6.36 -10.87
N ASP A 191 -8.92 -6.85 -11.82
CA ASP A 191 -8.30 -8.17 -11.71
C ASP A 191 -7.35 -8.24 -10.51
N ARG A 192 -6.69 -7.12 -10.23
CA ARG A 192 -5.78 -7.03 -9.08
C ARG A 192 -6.55 -7.05 -7.75
N GLN A 193 -7.65 -6.30 -7.68
CA GLN A 193 -8.52 -6.36 -6.52
C GLN A 193 -9.05 -7.78 -6.34
N GLN A 194 -9.40 -8.43 -7.44
CA GLN A 194 -9.93 -9.80 -7.35
C GLN A 194 -8.90 -10.76 -6.77
N ALA A 195 -7.65 -10.62 -7.20
CA ALA A 195 -6.56 -11.44 -6.66
C ALA A 195 -6.32 -11.18 -5.17
N TYR A 196 -6.41 -9.93 -4.75
CA TYR A 196 -6.27 -9.63 -3.32
C TYR A 196 -7.40 -10.31 -2.53
N LEU A 197 -8.61 -10.24 -3.08
CA LEU A 197 -9.79 -10.84 -2.46
C LEU A 197 -9.64 -12.35 -2.38
N ASP A 198 -9.20 -12.95 -3.49
CA ASP A 198 -9.08 -14.40 -3.58
C ASP A 198 -8.10 -14.94 -2.54
N HIS A 199 -7.00 -14.22 -2.32
CA HIS A 199 -6.01 -14.66 -1.34
C HIS A 199 -6.55 -14.45 0.07
N LEU A 200 -7.09 -13.26 0.33
CA LEU A 200 -7.69 -12.94 1.61
C LEU A 200 -8.64 -14.04 2.07
N LEU A 201 -9.56 -14.45 1.19
CA LEU A 201 -10.49 -15.51 1.51
C LEU A 201 -9.79 -16.85 1.76
N SER A 202 -8.73 -17.14 1.01
CA SER A 202 -8.10 -18.46 1.09
C SER A 202 -7.42 -18.71 2.44
N VAL A 203 -7.06 -17.65 3.16
CA VAL A 203 -6.38 -17.80 4.44
C VAL A 203 -7.33 -17.53 5.63
N ALA A 204 -8.63 -17.52 5.36
CA ALA A 204 -9.63 -17.21 6.37
C ALA A 204 -9.64 -18.27 7.47
N MET A 205 -9.82 -17.85 8.73
CA MET A 205 -10.04 -18.82 9.81
C MET A 205 -11.54 -19.13 9.89
N HIS A 206 -12.36 -18.09 9.71
CA HIS A 206 -13.80 -18.29 9.46
C HIS A 206 -14.20 -17.36 8.31
N LYS A 207 -15.21 -17.75 7.56
CA LYS A 207 -15.75 -16.88 6.52
C LYS A 207 -17.16 -17.29 6.21
N ARG A 208 -17.95 -16.37 5.66
CA ARG A 208 -19.27 -16.73 5.15
C ARG A 208 -19.32 -16.34 3.68
N ASP A 209 -20.07 -17.09 2.90
CA ASP A 209 -20.20 -16.79 1.48
C ASP A 209 -21.16 -15.61 1.27
N ILE A 210 -20.65 -14.46 0.85
CA ILE A 210 -21.52 -13.36 0.38
C ILE A 210 -21.08 -12.80 -0.97
N SER A 211 -21.90 -11.92 -1.53
CA SER A 211 -21.66 -11.39 -2.87
C SER A 211 -20.52 -10.37 -2.86
N LEU A 212 -19.38 -10.75 -3.45
CA LEU A 212 -18.18 -9.93 -3.37
C LEU A 212 -17.50 -9.71 -4.71
N SER A 213 -17.29 -8.44 -5.03
CA SER A 213 -16.64 -8.07 -6.28
C SER A 213 -15.75 -6.83 -6.08
N PRO A 214 -14.91 -6.54 -7.05
CA PRO A 214 -14.04 -5.37 -6.93
C PRO A 214 -14.94 -4.17 -6.73
N SER A 215 -16.10 -4.19 -7.38
CA SER A 215 -16.97 -3.03 -7.39
C SER A 215 -17.44 -2.62 -5.98
N ASP A 216 -17.47 -3.57 -5.05
CA ASP A 216 -17.83 -3.27 -3.66
C ASP A 216 -16.67 -2.59 -2.92
N ARG A 217 -16.89 -2.29 -1.64
CA ARG A 217 -15.85 -1.72 -0.80
C ARG A 217 -15.80 -2.53 0.48
N ILE A 218 -14.60 -2.82 0.94
CA ILE A 218 -14.45 -3.58 2.18
C ILE A 218 -13.56 -2.88 3.21
N ILE A 219 -13.66 -3.36 4.44
CA ILE A 219 -12.89 -2.82 5.54
C ILE A 219 -12.20 -3.95 6.29
N LEU A 220 -10.92 -3.78 6.61
CA LEU A 220 -10.20 -4.73 7.44
C LEU A 220 -9.97 -4.09 8.80
N LEU A 221 -10.54 -4.68 9.82
CA LEU A 221 -10.34 -4.15 11.17
C LEU A 221 -9.33 -5.05 11.86
N SER A 222 -8.20 -4.48 12.26
CA SER A 222 -7.05 -5.27 12.70
C SER A 222 -6.63 -4.87 14.12
N THR A 223 -6.33 -5.88 14.94
CA THR A 223 -5.89 -5.59 16.30
C THR A 223 -4.85 -6.60 16.81
N CYS A 224 -4.25 -6.29 17.96
CA CYS A 224 -3.16 -7.10 18.49
C CYS A 224 -3.59 -8.52 18.89
N PHE A 225 -2.76 -9.50 18.53
CA PHE A 225 -2.93 -10.87 19.03
C PHE A 225 -1.88 -11.10 20.11
N LEU A 226 -2.33 -11.16 21.35
CA LEU A 226 -1.50 -11.27 22.56
C LEU A 226 -0.68 -12.55 22.69
N ASP A 227 -1.41 -13.84 22.82
CA ASP A 227 -0.82 -15.08 22.41
C ASP A 227 0.39 -15.00 21.44
N VAL A 228 0.45 -14.07 20.53
CA VAL A 228 1.55 -14.20 19.61
C VAL A 228 2.38 -13.00 19.31
N THR A 229 3.65 -13.29 19.11
CA THR A 229 4.61 -12.26 18.92
C THR A 229 4.37 -11.83 17.52
N ASN A 230 3.98 -10.60 17.40
CA ASN A 230 3.71 -10.02 16.13
C ASN A 230 2.47 -10.55 15.45
N GLY A 231 1.67 -11.32 16.17
CA GLY A 231 0.39 -11.78 15.68
C GLY A 231 -0.69 -10.71 15.71
N ARG A 232 -1.58 -10.76 14.74
CA ARG A 232 -2.72 -9.84 14.68
C ARG A 232 -4.05 -10.57 14.39
N HIS A 233 -5.15 -9.96 14.83
CA HIS A 233 -6.49 -10.48 14.55
C HIS A 233 -7.17 -9.53 13.58
N ILE A 234 -7.87 -10.07 12.57
CA ILE A 234 -8.60 -9.21 11.63
C ILE A 234 -10.02 -9.71 11.40
N VAL A 235 -11.00 -8.81 11.45
CA VAL A 235 -12.32 -9.11 10.87
C VAL A 235 -12.51 -8.27 9.63
N VAL A 236 -13.12 -8.86 8.61
CA VAL A 236 -13.32 -8.14 7.35
C VAL A 236 -14.80 -7.99 7.05
N ALA A 237 -15.20 -6.79 6.67
CA ALA A 237 -16.61 -6.48 6.43
C ALA A 237 -16.80 -5.81 5.08
N LYS A 238 -17.93 -6.11 4.44
CA LYS A 238 -18.36 -5.39 3.25
C LYS A 238 -19.17 -4.18 3.66
N ILE A 239 -18.97 -3.05 2.98
CA ILE A 239 -19.84 -1.90 3.22
C ILE A 239 -21.09 -2.03 2.35
N THR A 240 -22.25 -1.86 2.97
CA THR A 240 -23.53 -2.10 2.30
C THR A 240 -24.45 -0.90 2.43
N ASP A 241 -25.53 -0.89 1.65
CA ASP A 241 -26.55 0.14 1.79
C ASP A 241 -27.57 -0.32 2.83
N THR A 242 -27.95 0.59 3.72
CA THR A 242 -28.93 0.29 4.78
C THR A 242 -28.54 -0.92 5.62
N SER B 59 18.90 16.31 -14.60
CA SER B 59 17.99 17.13 -13.81
C SER B 59 16.73 17.50 -14.61
N GLY B 60 16.01 18.52 -14.13
CA GLY B 60 14.80 18.99 -14.80
C GLY B 60 14.57 20.45 -14.45
N PHE B 61 14.26 21.28 -15.44
CA PHE B 61 14.15 22.71 -15.19
C PHE B 61 12.80 23.16 -14.66
N SER B 62 12.77 24.37 -14.09
CA SER B 62 11.52 25.02 -13.76
C SER B 62 10.86 25.44 -15.07
N LYS B 63 11.69 25.66 -16.09
CA LYS B 63 11.17 26.05 -17.40
C LYS B 63 10.41 24.88 -17.99
N LEU B 64 11.02 23.70 -17.92
CA LEU B 64 10.36 22.46 -18.36
C LEU B 64 9.03 22.29 -17.65
N GLN B 65 9.02 22.52 -16.33
CA GLN B 65 7.79 22.36 -15.57
C GLN B 65 6.82 23.49 -15.84
N GLU B 66 7.31 24.61 -16.37
CA GLU B 66 6.42 25.68 -16.79
C GLU B 66 5.65 25.23 -18.03
N LEU B 67 6.32 24.46 -18.90
CA LEU B 67 5.72 23.95 -20.12
C LEU B 67 5.01 22.62 -19.87
N ASN B 68 5.45 21.92 -18.84
CA ASN B 68 4.92 20.59 -18.52
C ASN B 68 4.73 20.44 -17.03
N PRO B 69 3.62 20.99 -16.51
CA PRO B 69 3.35 21.07 -15.07
C PRO B 69 3.14 19.71 -14.44
N GLU B 70 2.79 18.71 -15.26
CA GLU B 70 2.57 17.35 -14.75
C GLU B 70 3.89 16.69 -14.34
N VAL B 71 5.02 17.24 -14.82
CA VAL B 71 6.31 16.61 -14.57
C VAL B 71 6.85 16.90 -13.17
N LEU B 72 6.89 15.86 -12.33
CA LEU B 72 7.39 15.95 -10.95
C LEU B 72 8.91 15.93 -10.89
N GLY B 73 9.53 15.23 -11.84
CA GLY B 73 10.98 15.16 -11.87
C GLY B 73 11.47 14.33 -13.05
N TRP B 74 12.66 13.74 -12.89
CA TRP B 74 13.32 13.05 -13.99
C TRP B 74 14.20 11.92 -13.43
N ILE B 75 14.26 10.80 -14.14
CA ILE B 75 15.13 9.70 -13.72
C ILE B 75 16.05 9.24 -14.85
N ASN B 76 17.31 8.95 -14.51
CA ASN B 76 18.31 8.55 -15.48
C ASN B 76 19.19 7.45 -14.90
N VAL B 77 19.41 6.38 -15.67
CA VAL B 77 20.40 5.37 -15.33
C VAL B 77 21.49 5.38 -16.42
N TYR B 78 22.71 5.77 -16.03
CA TYR B 78 23.79 6.01 -16.98
C TYR B 78 24.02 4.87 -18.00
N GLY B 79 24.40 5.22 -19.22
CA GLY B 79 24.63 4.25 -20.27
C GLY B 79 23.40 3.43 -20.69
N THR B 80 22.20 3.81 -20.25
CA THR B 80 20.99 3.11 -20.65
C THR B 80 19.93 4.02 -21.28
N ASN B 81 18.87 3.42 -21.80
CA ASN B 81 17.74 4.18 -22.33
C ASN B 81 16.76 4.61 -21.23
N ILE B 82 17.09 4.34 -19.98
CA ILE B 82 16.26 4.80 -18.87
C ILE B 82 16.57 6.27 -18.59
N ASP B 83 15.87 7.10 -19.34
CA ASP B 83 15.88 8.53 -19.13
C ASP B 83 14.42 8.80 -19.28
N TYR B 84 13.82 9.40 -18.27
CA TYR B 84 12.39 9.64 -18.40
C TYR B 84 11.90 10.70 -17.41
N PRO B 85 10.88 11.49 -17.80
CA PRO B 85 10.20 12.35 -16.85
C PRO B 85 9.39 11.50 -15.89
N LEU B 86 9.24 11.97 -14.66
CA LEU B 86 8.40 11.29 -13.68
C LEU B 86 7.10 12.07 -13.53
N VAL B 87 6.00 11.31 -13.45
CA VAL B 87 4.65 11.86 -13.37
C VAL B 87 3.90 11.05 -12.28
N GLN B 88 2.81 11.59 -11.73
CA GLN B 88 1.95 10.82 -10.84
C GLN B 88 0.49 11.09 -11.21
N ALA B 89 -0.28 10.03 -11.42
CA ALA B 89 -1.70 10.20 -11.71
C ALA B 89 -2.52 10.17 -10.42
N LYS B 90 -3.84 10.16 -10.54
CA LYS B 90 -4.70 10.04 -9.37
C LYS B 90 -5.14 8.60 -9.15
N ASP B 91 -5.18 7.82 -10.22
CA ASP B 91 -5.58 6.41 -10.13
C ASP B 91 -5.22 5.66 -11.41
N ASN B 92 -4.27 4.75 -11.29
CA ASN B 92 -3.83 3.95 -12.42
C ASN B 92 -3.33 4.80 -13.58
N GLU B 93 -3.82 4.52 -14.78
CA GLU B 93 -3.42 5.26 -15.97
C GLU B 93 -4.13 6.62 -16.04
N GLU B 103 0.81 12.76 -24.43
CA GLU B 103 1.66 13.93 -24.55
C GLU B 103 3.12 13.58 -24.31
N PHE B 104 3.34 12.37 -23.82
CA PHE B 104 4.70 11.88 -23.59
C PHE B 104 5.02 10.73 -24.55
N ALA B 105 4.27 10.62 -25.64
CA ALA B 105 4.51 9.56 -26.62
C ALA B 105 5.91 9.67 -27.21
N ALA B 106 6.44 10.89 -27.25
CA ALA B 106 7.87 11.08 -27.44
C ALA B 106 8.54 10.94 -26.08
N THR B 107 9.45 9.98 -25.93
CA THR B 107 10.25 9.91 -24.71
C THR B 107 9.54 9.31 -23.49
N GLY B 108 8.29 8.90 -23.64
CA GLY B 108 7.61 8.10 -22.63
C GLY B 108 7.66 8.74 -21.25
N ALA B 109 7.05 8.10 -20.27
CA ALA B 109 6.96 8.67 -18.93
C ALA B 109 6.80 7.59 -17.84
N ILE B 110 7.40 7.82 -16.68
CA ILE B 110 7.35 6.88 -15.56
C ILE B 110 6.37 7.39 -14.49
N PHE B 111 5.45 6.54 -14.03
CA PHE B 111 4.38 6.96 -13.10
C PHE B 111 4.64 6.52 -11.66
N LEU B 112 4.65 7.47 -10.72
CA LEU B 112 4.63 7.13 -9.29
C LEU B 112 3.30 6.49 -8.93
N ASP B 113 3.34 5.45 -8.10
CA ASP B 113 2.12 4.88 -7.53
C ASP B 113 1.34 6.01 -6.88
N ALA B 114 0.02 6.01 -7.03
CA ALA B 114 -0.81 7.10 -6.52
C ALA B 114 -0.77 7.22 -4.99
N ARG B 115 -0.34 6.17 -4.32
CA ARG B 115 -0.31 6.11 -2.87
C ARG B 115 0.99 6.66 -2.26
N ASN B 116 2.00 6.86 -3.11
CA ASN B 116 3.31 7.37 -2.67
C ASN B 116 3.36 8.90 -2.54
N ASN B 117 4.18 9.38 -1.60
CA ASN B 117 4.47 10.80 -1.49
C ASN B 117 5.25 11.24 -2.73
N PRO B 118 4.78 12.30 -3.40
CA PRO B 118 5.39 12.74 -4.67
C PRO B 118 6.76 13.39 -4.49
N LYS B 119 7.18 13.64 -3.24
CA LYS B 119 8.52 14.16 -2.99
C LYS B 119 9.51 13.07 -2.54
N PHE B 120 9.17 11.80 -2.81
CA PHE B 120 10.04 10.68 -2.45
C PHE B 120 10.41 10.65 -0.97
N GLU B 121 9.47 11.07 -0.12
CA GLU B 121 9.70 11.02 1.31
C GLU B 121 9.48 9.63 1.90
N ASP B 122 8.75 8.78 1.17
CA ASP B 122 8.42 7.44 1.67
C ASP B 122 9.66 6.55 1.67
N PHE B 123 9.66 5.53 2.52
CA PHE B 123 10.77 4.58 2.57
C PHE B 123 10.90 3.83 1.25
N ASN B 124 9.80 3.26 0.76
CA ASN B 124 9.85 2.62 -0.55
C ASN B 124 8.86 3.24 -1.55
N THR B 125 9.39 3.81 -2.63
CA THR B 125 8.56 4.44 -3.66
C THR B 125 8.49 3.55 -4.91
N ILE B 126 7.28 3.27 -5.39
CA ILE B 126 7.17 2.39 -6.56
C ILE B 126 6.78 3.21 -7.79
N ILE B 127 7.53 3.00 -8.88
CA ILE B 127 7.28 3.75 -10.11
C ILE B 127 7.14 2.80 -11.28
N TYR B 128 6.19 3.10 -12.17
CA TYR B 128 5.82 2.17 -13.21
C TYR B 128 6.15 2.71 -14.60
N GLY B 129 6.71 1.86 -15.46
CA GLY B 129 6.78 2.15 -16.88
C GLY B 129 5.85 1.18 -17.61
N HIS B 130 4.76 1.69 -18.18
CA HIS B 130 3.76 0.86 -18.85
C HIS B 130 4.04 0.68 -20.33
N HIS B 131 4.08 -0.57 -20.79
CA HIS B 131 4.28 -0.89 -22.21
C HIS B 131 3.04 -0.49 -23.02
N VAL B 132 3.26 0.43 -23.96
CA VAL B 132 2.26 0.89 -24.95
C VAL B 132 1.86 -0.10 -26.05
N GLU B 133 2.85 -0.75 -26.64
CA GLU B 133 2.63 -1.62 -27.80
C GLU B 133 2.63 -0.87 -29.14
N ASN B 134 2.91 0.43 -29.11
CA ASN B 134 3.08 1.24 -30.31
C ASN B 134 4.49 1.84 -30.42
N GLY B 135 4.93 2.52 -29.37
CA GLY B 135 6.24 3.16 -29.39
C GLY B 135 7.02 3.45 -28.11
N VAL B 136 6.54 3.03 -26.94
CA VAL B 136 7.16 3.52 -25.69
C VAL B 136 8.22 2.60 -25.02
N MET B 137 8.22 1.30 -25.30
CA MET B 137 9.39 0.49 -24.91
C MET B 137 9.68 0.47 -23.40
N PHE B 138 10.89 0.88 -23.02
CA PHE B 138 11.41 0.71 -21.66
C PHE B 138 12.30 -0.54 -21.56
N GLY B 139 12.60 -1.10 -22.72
CA GLY B 139 13.27 -2.36 -22.91
C GLY B 139 14.56 -2.59 -22.15
N ASP B 140 15.15 -1.53 -21.62
CA ASP B 140 16.42 -1.68 -20.89
C ASP B 140 16.22 -2.31 -19.51
N VAL B 141 15.03 -2.18 -18.94
CA VAL B 141 14.80 -2.77 -17.62
C VAL B 141 15.06 -4.27 -17.63
N ALA B 142 14.55 -4.94 -18.66
CA ALA B 142 14.73 -6.37 -18.81
C ALA B 142 16.19 -6.74 -18.97
N LYS B 143 17.00 -5.82 -19.49
CA LYS B 143 18.41 -6.13 -19.74
C LYS B 143 19.18 -6.37 -18.44
N PHE B 144 18.68 -5.82 -17.35
CA PHE B 144 19.33 -6.04 -16.05
C PHE B 144 19.29 -7.50 -15.60
N ALA B 145 18.60 -8.36 -16.34
CA ALA B 145 18.63 -9.80 -16.04
C ALA B 145 19.99 -10.40 -16.46
N ASP B 146 20.69 -9.71 -17.34
CA ASP B 146 21.97 -10.19 -17.85
C ASP B 146 23.05 -9.81 -16.85
N GLN B 147 23.88 -10.78 -16.48
CA GLN B 147 24.95 -10.59 -15.49
C GLN B 147 25.80 -9.36 -15.78
N GLU B 148 26.33 -9.31 -17.00
CA GLU B 148 27.17 -8.21 -17.42
C GLU B 148 26.43 -6.87 -17.41
N PHE B 149 25.19 -6.86 -17.85
CA PHE B 149 24.47 -5.60 -17.95
C PHE B 149 24.20 -5.09 -16.54
N PHE B 150 23.85 -6.00 -15.65
CA PHE B 150 23.54 -5.62 -14.27
C PHE B 150 24.81 -5.13 -13.56
N ASP B 151 25.92 -5.82 -13.78
CA ASP B 151 27.17 -5.47 -13.10
C ASP B 151 27.68 -4.09 -13.47
N GLN B 152 27.44 -3.66 -14.70
CA GLN B 152 28.10 -2.48 -15.24
C GLN B 152 27.25 -1.22 -15.23
N HIS B 153 25.95 -1.42 -15.09
CA HIS B 153 25.05 -0.33 -14.85
C HIS B 153 24.80 -0.41 -13.37
N ARG B 154 25.49 0.44 -12.62
CA ARG B 154 25.26 0.51 -11.19
C ARG B 154 24.66 1.85 -10.76
N TYR B 155 25.07 2.92 -11.43
CA TYR B 155 24.69 4.25 -10.96
C TYR B 155 23.73 4.99 -11.90
N GLY B 156 23.13 6.04 -11.35
CA GLY B 156 22.13 6.83 -12.04
C GLY B 156 21.88 8.09 -11.22
N SER B 157 20.86 8.86 -11.61
CA SER B 157 20.52 10.04 -10.86
C SER B 157 19.02 10.25 -10.98
N ILE B 158 18.47 11.03 -10.06
CA ILE B 158 17.05 11.33 -10.09
C ILE B 158 16.86 12.78 -9.67
N TYR B 159 15.94 13.47 -10.33
CA TYR B 159 15.65 14.85 -9.98
C TYR B 159 14.21 14.94 -9.49
N TYR B 160 13.99 15.65 -8.39
CA TYR B 160 12.66 15.78 -7.81
C TYR B 160 12.65 16.91 -6.79
N ASN B 161 11.50 17.57 -6.64
CA ASN B 161 11.34 18.66 -5.69
C ASN B 161 12.43 19.72 -5.79
N GLY B 162 12.92 19.96 -7.00
CA GLY B 162 13.93 20.98 -7.21
C GLY B 162 15.33 20.53 -6.85
N VAL B 163 15.49 19.26 -6.48
CA VAL B 163 16.80 18.77 -6.09
C VAL B 163 17.26 17.55 -6.92
N GLU B 164 18.56 17.43 -7.15
CA GLU B 164 19.10 16.27 -7.86
C GLU B 164 19.85 15.33 -6.92
N LYS B 165 19.49 14.05 -6.96
CA LYS B 165 20.07 13.03 -6.08
C LYS B 165 20.71 11.90 -6.89
N GLY B 166 21.66 11.20 -6.29
CA GLY B 166 22.25 10.04 -6.95
C GLY B 166 21.39 8.81 -6.74
N LEU B 167 21.54 7.82 -7.63
CA LEU B 167 20.90 6.52 -7.47
C LEU B 167 21.98 5.45 -7.53
N GLU B 168 21.85 4.42 -6.69
CA GLU B 168 22.70 3.25 -6.82
C GLU B 168 21.83 2.02 -6.90
N ILE B 169 21.87 1.31 -8.03
CA ILE B 169 21.06 0.10 -8.18
C ILE B 169 21.63 -1.04 -7.34
N PHE B 170 20.79 -1.78 -6.63
CA PHE B 170 21.33 -2.88 -5.82
C PHE B 170 20.62 -4.21 -6.04
N GLU B 171 19.60 -4.21 -6.88
CA GLU B 171 18.81 -5.44 -7.09
C GLU B 171 17.98 -5.43 -8.39
N MET B 172 17.88 -6.60 -9.02
CA MET B 172 16.88 -6.83 -10.05
C MET B 172 16.09 -8.09 -9.67
N LEU B 173 14.77 -8.04 -9.86
CA LEU B 173 13.96 -9.24 -9.64
C LEU B 173 12.83 -9.32 -10.66
N GLU B 174 12.26 -10.52 -10.79
CA GLU B 174 11.10 -10.76 -11.62
C GLU B 174 9.99 -11.23 -10.70
N VAL B 175 8.79 -10.71 -10.89
CA VAL B 175 7.67 -11.05 -10.01
C VAL B 175 6.36 -11.07 -10.80
N ASP B 176 5.32 -11.60 -10.19
CA ASP B 176 3.98 -11.54 -10.76
C ASP B 176 3.35 -10.18 -10.40
N ALA B 177 2.47 -9.67 -11.26
CA ALA B 177 1.96 -8.31 -11.05
C ALA B 177 1.15 -8.18 -9.76
N TYR B 178 0.56 -9.29 -9.31
CA TYR B 178 -0.28 -9.28 -8.11
C TYR B 178 0.49 -9.74 -6.87
N ASP B 179 1.82 -9.56 -6.88
CA ASP B 179 2.62 -9.90 -5.71
C ASP B 179 2.61 -8.72 -4.72
N PHE B 180 1.62 -8.72 -3.84
CA PHE B 180 1.47 -7.62 -2.88
C PHE B 180 2.58 -7.60 -1.82
N ASN B 181 3.30 -8.71 -1.65
CA ASN B 181 4.51 -8.71 -0.83
C ASN B 181 5.49 -7.63 -1.28
N ILE B 182 5.50 -7.37 -2.59
CA ILE B 182 6.44 -6.44 -3.22
C ILE B 182 5.78 -5.10 -3.52
N TYR B 183 4.57 -5.14 -4.08
CA TYR B 183 3.87 -3.92 -4.48
C TYR B 183 3.02 -3.35 -3.34
N ASP B 184 3.71 -2.96 -2.28
CA ASP B 184 3.08 -2.38 -1.09
C ASP B 184 3.86 -1.12 -0.79
N PRO B 185 3.47 0.00 -1.42
CA PRO B 185 4.23 1.26 -1.36
C PRO B 185 4.04 2.00 -0.03
N GLY B 186 5.10 2.69 0.41
CA GLY B 186 5.00 3.63 1.51
C GLY B 186 4.87 2.97 2.88
N ILE B 187 5.58 1.87 3.06
CA ILE B 187 5.57 1.18 4.35
C ILE B 187 6.22 1.99 5.47
N GLN B 188 5.67 1.91 6.66
CA GLN B 188 6.17 2.69 7.79
C GLN B 188 6.51 1.84 9.00
N GLY B 189 7.44 2.32 9.82
CA GLY B 189 7.87 1.60 11.00
C GLY B 189 9.15 0.82 10.71
N GLU B 190 10.13 0.94 11.60
CA GLU B 190 11.46 0.39 11.38
C GLU B 190 11.48 -1.12 11.17
N ASP B 191 10.94 -1.87 12.14
CA ASP B 191 10.93 -3.33 12.06
C ASP B 191 10.19 -3.79 10.82
N ARG B 192 9.08 -3.13 10.52
CA ARG B 192 8.29 -3.44 9.34
C ARG B 192 9.02 -3.16 8.02
N GLN B 193 9.66 -2.00 7.92
CA GLN B 193 10.43 -1.70 6.72
C GLN B 193 11.59 -2.69 6.60
N GLN B 194 12.21 -3.03 7.72
CA GLN B 194 13.32 -4.00 7.68
C GLN B 194 12.80 -5.35 7.14
N ALA B 195 11.64 -5.78 7.61
CA ALA B 195 11.01 -7.01 7.15
C ALA B 195 10.76 -6.99 5.64
N TYR B 196 10.20 -5.89 5.14
CA TYR B 196 9.90 -5.76 3.71
C TYR B 196 11.19 -5.87 2.90
N LEU B 197 12.24 -5.28 3.48
CA LEU B 197 13.56 -5.25 2.87
C LEU B 197 14.20 -6.65 2.86
N ASP B 198 14.10 -7.38 3.97
CA ASP B 198 14.63 -8.74 4.02
C ASP B 198 13.95 -9.65 3.01
N HIS B 199 12.65 -9.49 2.82
CA HIS B 199 11.97 -10.32 1.83
C HIS B 199 12.38 -9.94 0.41
N LEU B 200 12.31 -8.64 0.11
CA LEU B 200 12.72 -8.11 -1.19
C LEU B 200 14.09 -8.62 -1.62
N LEU B 201 15.06 -8.47 -0.73
CA LEU B 201 16.40 -8.97 -0.99
C LEU B 201 16.47 -10.49 -1.17
N SER B 202 15.67 -11.26 -0.41
CA SER B 202 15.78 -12.72 -0.48
C SER B 202 15.29 -13.33 -1.81
N VAL B 203 14.51 -12.58 -2.59
CA VAL B 203 14.01 -13.08 -3.87
C VAL B 203 14.71 -12.42 -5.07
N ALA B 204 15.86 -11.80 -4.82
CA ALA B 204 16.59 -11.08 -5.87
C ALA B 204 17.08 -12.01 -6.96
N MET B 205 16.88 -11.64 -8.24
CA MET B 205 17.53 -12.41 -9.32
C MET B 205 18.98 -11.95 -9.40
N HIS B 206 19.20 -10.65 -9.26
CA HIS B 206 20.54 -10.09 -9.04
C HIS B 206 20.53 -9.18 -7.82
N LYS B 207 21.63 -9.14 -7.09
CA LYS B 207 21.77 -8.11 -6.07
C LYS B 207 23.22 -7.83 -5.82
N ARG B 208 23.51 -6.64 -5.32
CA ARG B 208 24.86 -6.36 -4.82
C ARG B 208 24.74 -5.95 -3.37
N ASP B 209 25.80 -6.18 -2.60
CA ASP B 209 25.78 -5.97 -1.17
C ASP B 209 26.14 -4.51 -0.86
N ILE B 210 25.14 -3.68 -0.56
CA ILE B 210 25.42 -2.31 -0.13
C ILE B 210 24.67 -1.93 1.15
N SER B 211 24.99 -0.77 1.68
CA SER B 211 24.46 -0.35 2.97
C SER B 211 22.97 -0.02 2.90
N LEU B 212 22.13 -0.84 3.54
CA LEU B 212 20.68 -0.67 3.51
C LEU B 212 20.01 -0.75 4.87
N SER B 213 19.32 0.33 5.23
CA SER B 213 18.56 0.37 6.48
C SER B 213 17.21 1.03 6.20
N PRO B 214 16.24 0.85 7.12
CA PRO B 214 14.96 1.55 7.00
C PRO B 214 15.14 3.08 7.04
N SER B 215 16.26 3.57 7.56
CA SER B 215 16.56 5.00 7.50
C SER B 215 16.93 5.49 6.08
N ASP B 216 17.20 4.57 5.16
CA ASP B 216 17.41 4.93 3.76
C ASP B 216 16.09 5.12 2.99
N ARG B 217 16.21 5.49 1.72
CA ARG B 217 15.05 5.56 0.84
C ARG B 217 15.33 4.79 -0.45
N ILE B 218 14.37 3.98 -0.88
CA ILE B 218 14.55 3.19 -2.09
C ILE B 218 13.41 3.38 -3.11
N ILE B 219 13.70 3.00 -4.34
CA ILE B 219 12.76 3.14 -5.45
C ILE B 219 12.72 1.81 -6.18
N LEU B 220 11.52 1.32 -6.46
CA LEU B 220 11.36 0.12 -7.30
C LEU B 220 10.84 0.56 -8.63
N LEU B 221 11.59 0.27 -9.69
CA LEU B 221 11.14 0.67 -11.02
C LEU B 221 10.62 -0.57 -11.70
N SER B 222 9.35 -0.54 -12.08
CA SER B 222 8.68 -1.77 -12.50
C SER B 222 8.12 -1.67 -13.91
N THR B 223 8.31 -2.71 -14.72
CA THR B 223 7.72 -2.74 -16.06
C THR B 223 7.33 -4.15 -16.53
N CYS B 224 6.57 -4.22 -17.63
CA CYS B 224 6.04 -5.49 -18.13
C CYS B 224 7.15 -6.48 -18.55
N PHE B 225 7.02 -7.73 -18.10
CA PHE B 225 7.81 -8.85 -18.61
C PHE B 225 6.95 -9.51 -19.68
N LEU B 226 7.24 -9.18 -20.94
CA LEU B 226 6.42 -9.59 -22.08
C LEU B 226 6.26 -11.11 -22.26
N ASP B 227 7.35 -11.86 -22.04
CA ASP B 227 7.35 -13.31 -22.22
C ASP B 227 6.44 -14.05 -21.23
N VAL B 228 6.06 -13.38 -20.15
CA VAL B 228 5.37 -14.03 -19.04
C VAL B 228 4.06 -13.32 -18.71
N THR B 229 2.96 -14.06 -18.79
CA THR B 229 1.63 -13.53 -18.48
C THR B 229 1.64 -12.94 -17.07
N ASN B 230 1.30 -11.65 -16.99
CA ASN B 230 1.31 -10.90 -15.72
C ASN B 230 2.68 -10.80 -15.06
N GLY B 231 3.73 -11.15 -15.80
CA GLY B 231 5.07 -11.01 -15.26
C GLY B 231 5.52 -9.57 -15.29
N ARG B 232 6.38 -9.20 -14.35
CA ARG B 232 6.96 -7.87 -14.27
C ARG B 232 8.44 -7.96 -13.97
N HIS B 233 9.21 -7.02 -14.52
CA HIS B 233 10.62 -6.86 -14.17
C HIS B 233 10.74 -5.64 -13.28
N ILE B 234 11.57 -5.72 -12.25
CA ILE B 234 11.78 -4.58 -11.38
C ILE B 234 13.25 -4.40 -11.14
N VAL B 235 13.73 -3.17 -11.20
CA VAL B 235 15.08 -2.87 -10.69
C VAL B 235 14.95 -2.00 -9.46
N VAL B 236 15.76 -2.24 -8.43
CA VAL B 236 15.60 -1.46 -7.21
C VAL B 236 16.83 -0.61 -6.91
N ALA B 237 16.62 0.64 -6.54
CA ALA B 237 17.75 1.52 -6.32
C ALA B 237 17.65 2.26 -4.98
N LYS B 238 18.81 2.54 -4.39
CA LYS B 238 18.90 3.36 -3.21
C LYS B 238 19.12 4.81 -3.63
N ILE B 239 18.36 5.73 -3.05
CA ILE B 239 18.60 7.14 -3.31
C ILE B 239 19.78 7.57 -2.46
N THR B 240 20.78 8.19 -3.08
CA THR B 240 22.00 8.55 -2.36
C THR B 240 22.30 10.02 -2.54
N ASP B 241 23.37 10.49 -1.91
CA ASP B 241 23.84 11.84 -2.18
C ASP B 241 24.66 11.82 -3.47
N THR B 242 24.53 12.90 -4.26
CA THR B 242 25.34 13.10 -5.47
C THR B 242 25.17 11.98 -6.51
#